data_5U1L
#
_entry.id   5U1L
#
_cell.length_a   169.058
_cell.length_b   169.058
_cell.length_c   169.058
_cell.angle_alpha   90.000
_cell.angle_beta   90.000
_cell.angle_gamma   90.000
#
_symmetry.space_group_name_H-M   'I 21 3'
#
loop_
_entity.id
_entity.type
_entity.pdbx_description
1 polymer 'P2X purinoceptor'
2 non-polymer 2-acetamido-2-deoxy-beta-D-glucopyranose
#
_entity_poly.entity_id   1
_entity_poly.type   'polypeptide(L)'
_entity_poly.pdbx_seq_one_letter_code
;GSSTNYGTIKWIFHALVFSYISFALISDKRYQKKEPLISSVHTKVKGIAEVKAEILENGMKKMVSGVFDTADYTFPLQGN
SFFVMTNFIKTEGQQQGLCPDFPTARTICSSDRGCKKGRMDPQSKGIQTGRCVVYKERLKTCEVSAWCPIEEVKDAPRPA
LLNSAENFTVLIKNNIDFPGHNYTTRNILPGVNITCTFHKTQNPQCPIFRLGDIFQETGDSFSDVAIQGGIMGIEIYWDC
NLDGWFHHCRPKYSFRRLDDKTTSESLYPGYNFRYAKYYKENNVEKRTLIKVFGIRFDILVFGTGGKFNVIQLAVYIGSV
ISYFGLATVFIDILINTYSASS
;
_entity_poly.pdbx_strand_id   A
#
# COMPACT_ATOMS: atom_id res chain seq x y z
N HIS A 14 -42.73 11.21 31.44
CA HIS A 14 -41.62 11.10 32.38
C HIS A 14 -40.93 9.74 32.27
N ALA A 15 -41.69 8.67 32.48
CA ALA A 15 -41.12 7.33 32.43
C ALA A 15 -40.52 7.04 31.06
N LEU A 16 -41.13 7.55 29.98
CA LEU A 16 -40.57 7.36 28.66
C LEU A 16 -39.19 8.00 28.54
N VAL A 17 -38.92 9.02 29.34
CA VAL A 17 -37.58 9.61 29.38
C VAL A 17 -36.59 8.62 29.97
N PHE A 18 -36.99 7.90 31.01
CA PHE A 18 -36.12 6.88 31.59
C PHE A 18 -35.99 5.66 30.70
N SER A 19 -36.98 5.40 29.84
CA SER A 19 -36.83 4.41 28.79
C SER A 19 -35.94 4.91 27.66
N TYR A 20 -35.81 6.23 27.50
CA TYR A 20 -34.82 6.78 26.58
C TYR A 20 -33.41 6.66 27.16
N ILE A 21 -33.27 6.85 28.48
CA ILE A 21 -31.98 6.62 29.12
C ILE A 21 -31.61 5.14 29.01
N SER A 22 -32.52 4.26 29.42
CA SER A 22 -32.26 2.83 29.31
C SER A 22 -32.00 2.43 27.85
N PHE A 23 -32.65 3.10 26.91
CA PHE A 23 -32.35 2.86 25.49
C PHE A 23 -30.91 3.25 25.18
N ALA A 24 -30.50 4.45 25.58
CA ALA A 24 -29.12 4.86 25.36
C ALA A 24 -28.14 3.85 25.94
N LEU A 25 -28.48 3.28 27.10
CA LEU A 25 -27.65 2.24 27.69
C LEU A 25 -27.58 1.02 26.77
N ILE A 26 -28.74 0.50 26.37
CA ILE A 26 -28.77 -0.73 25.57
C ILE A 26 -28.02 -0.53 24.26
N SER A 27 -28.40 0.51 23.50
CA SER A 27 -27.87 0.67 22.15
C SER A 27 -26.43 1.17 22.17
N ASP A 28 -26.09 2.02 23.13
CA ASP A 28 -24.73 2.52 23.23
C ASP A 28 -23.80 1.58 23.98
N LYS A 29 -24.33 0.50 24.55
CA LYS A 29 -23.53 -0.50 25.26
C LYS A 29 -22.71 0.17 26.38
N ARG A 30 -23.35 1.10 27.09
CA ARG A 30 -22.69 1.76 28.21
C ARG A 30 -22.41 0.79 29.35
N TYR A 31 -23.11 -0.33 29.40
CA TYR A 31 -22.90 -1.35 30.41
C TYR A 31 -21.65 -2.18 30.17
N GLN A 32 -21.05 -2.08 28.98
CA GLN A 32 -19.92 -2.90 28.61
C GLN A 32 -18.61 -2.12 28.74
N LYS A 33 -17.56 -2.83 29.15
CA LYS A 33 -16.19 -2.35 29.01
C LYS A 33 -15.68 -2.76 27.64
N LYS A 34 -15.04 -1.81 26.96
CA LYS A 34 -14.50 -1.99 25.62
C LYS A 34 -12.99 -1.85 25.67
N GLU A 35 -12.32 -2.70 24.90
CA GLU A 35 -10.87 -2.80 24.88
C GLU A 35 -10.37 -2.79 23.44
N PRO A 36 -9.22 -2.17 23.20
CA PRO A 36 -8.67 -2.14 21.84
C PRO A 36 -8.11 -3.50 21.46
N LEU A 37 -8.36 -3.88 20.21
CA LEU A 37 -7.97 -5.19 19.73
C LEU A 37 -6.50 -5.21 19.35
N ILE A 38 -5.89 -6.39 19.45
CA ILE A 38 -4.52 -6.65 19.01
C ILE A 38 -4.59 -7.44 17.72
N SER A 39 -3.89 -6.98 16.69
CA SER A 39 -3.97 -7.58 15.36
C SER A 39 -2.61 -8.15 14.96
N SER A 40 -2.62 -9.39 14.48
CA SER A 40 -1.50 -9.98 13.77
C SER A 40 -1.99 -10.40 12.40
N VAL A 41 -1.16 -10.20 11.37
CA VAL A 41 -1.55 -10.41 9.99
C VAL A 41 -0.55 -11.34 9.32
N HIS A 42 -1.06 -12.25 8.48
CA HIS A 42 -0.25 -13.15 7.68
C HIS A 42 -0.90 -13.27 6.32
N THR A 43 -0.21 -12.83 5.28
CA THR A 43 -0.78 -12.75 3.93
C THR A 43 0.04 -13.59 2.97
N LYS A 44 -0.64 -14.42 2.18
CA LYS A 44 0.01 -15.22 1.14
C LYS A 44 -0.69 -14.94 -0.18
N VAL A 45 0.07 -14.46 -1.16
CA VAL A 45 -0.47 -14.06 -2.46
C VAL A 45 -0.22 -15.16 -3.47
N LYS A 46 -1.16 -15.32 -4.40
CA LYS A 46 -1.08 -16.34 -5.45
C LYS A 46 -1.39 -15.71 -6.80
N GLY A 47 -0.82 -16.30 -7.84
CA GLY A 47 -0.95 -15.83 -9.20
C GLY A 47 0.40 -15.68 -9.85
N ILE A 48 0.43 -15.81 -11.18
CA ILE A 48 1.64 -15.58 -11.96
C ILE A 48 1.27 -14.78 -13.20
N ALA A 49 2.18 -13.91 -13.62
CA ALA A 49 1.93 -12.98 -14.71
C ALA A 49 2.90 -13.24 -15.85
N GLU A 50 2.36 -13.42 -17.05
CA GLU A 50 3.18 -13.56 -18.24
C GLU A 50 3.38 -12.17 -18.87
N VAL A 51 4.63 -11.77 -19.05
CA VAL A 51 4.98 -10.44 -19.54
C VAL A 51 5.60 -10.59 -20.92
N LYS A 52 4.85 -10.18 -21.95
CA LYS A 52 5.37 -10.06 -23.31
C LYS A 52 4.98 -8.67 -23.81
N ALA A 53 5.97 -7.80 -24.00
CA ALA A 53 5.70 -6.44 -24.45
C ALA A 53 6.95 -5.91 -25.14
N GLU A 54 6.77 -4.82 -25.86
CA GLU A 54 7.86 -4.13 -26.54
C GLU A 54 8.07 -2.77 -25.89
N ILE A 55 9.31 -2.48 -25.49
CA ILE A 55 9.63 -1.25 -24.80
C ILE A 55 10.91 -0.67 -25.38
N LEU A 56 10.90 0.63 -25.64
CA LEU A 56 12.04 1.33 -26.22
C LEU A 56 12.94 1.85 -25.11
N GLU A 57 14.22 1.48 -25.15
CA GLU A 57 15.21 1.93 -24.20
C GLU A 57 16.35 2.60 -24.95
N ASN A 58 16.71 3.81 -24.54
CA ASN A 58 17.79 4.57 -25.17
C ASN A 58 17.61 4.64 -26.68
N GLY A 59 16.37 4.87 -27.10
CA GLY A 59 16.08 5.03 -28.51
C GLY A 59 16.10 3.76 -29.33
N MET A 60 16.22 2.60 -28.69
CA MET A 60 16.27 1.31 -29.39
C MET A 60 15.17 0.41 -28.86
N LYS A 61 14.41 -0.20 -29.76
CA LYS A 61 13.33 -1.09 -29.35
C LYS A 61 13.89 -2.39 -28.79
N LYS A 62 13.29 -2.84 -27.69
CA LYS A 62 13.68 -4.09 -27.03
C LYS A 62 12.44 -4.88 -26.69
N MET A 63 12.58 -6.21 -26.70
CA MET A 63 11.48 -7.13 -26.47
C MET A 63 11.60 -7.73 -25.07
N VAL A 64 10.62 -7.45 -24.23
CA VAL A 64 10.56 -7.94 -22.86
C VAL A 64 9.61 -9.14 -22.82
N SER A 65 10.17 -10.34 -22.71
CA SER A 65 9.37 -11.55 -22.60
C SER A 65 9.87 -12.37 -21.41
N GLY A 66 8.92 -12.92 -20.64
CA GLY A 66 9.26 -13.72 -19.49
C GLY A 66 8.06 -14.01 -18.60
N VAL A 67 8.20 -15.00 -17.72
CA VAL A 67 7.14 -15.33 -16.77
C VAL A 67 7.56 -14.83 -15.40
N PHE A 68 6.57 -14.42 -14.61
CA PHE A 68 6.80 -13.87 -13.28
C PHE A 68 5.95 -14.64 -12.28
N ASP A 69 6.61 -15.40 -11.41
CA ASP A 69 5.94 -16.12 -10.34
C ASP A 69 5.95 -15.27 -9.08
N THR A 70 5.46 -15.84 -7.98
CA THR A 70 5.34 -15.09 -6.72
C THR A 70 6.67 -14.46 -6.33
N ALA A 71 7.76 -15.23 -6.39
CA ALA A 71 9.05 -14.71 -5.95
C ALA A 71 9.50 -13.52 -6.78
N ASP A 72 9.10 -13.47 -8.05
CA ASP A 72 9.61 -12.44 -8.95
C ASP A 72 8.96 -11.07 -8.75
N TYR A 73 7.80 -11.01 -8.09
CA TYR A 73 7.06 -9.75 -8.03
C TYR A 73 6.57 -9.39 -6.63
N THR A 74 7.04 -10.05 -5.58
CA THR A 74 6.57 -9.71 -4.25
C THR A 74 7.53 -10.24 -3.19
N PHE A 75 7.45 -9.62 -2.01
CA PHE A 75 8.22 -10.00 -0.84
C PHE A 75 7.26 -10.25 0.32
N PRO A 76 7.73 -10.70 1.47
CA PRO A 76 6.82 -11.04 2.57
C PRO A 76 6.26 -9.81 3.27
N LEU A 77 5.12 -10.01 3.92
CA LEU A 77 4.44 -8.93 4.63
C LEU A 77 5.31 -8.43 5.78
N GLN A 78 5.50 -7.11 5.83
CA GLN A 78 6.26 -6.46 6.89
C GLN A 78 5.49 -5.24 7.38
N GLY A 79 5.04 -5.27 8.63
CA GLY A 79 4.29 -4.16 9.17
C GLY A 79 2.85 -4.08 8.73
N ASN A 80 2.21 -5.22 8.47
CA ASN A 80 0.80 -5.27 8.11
C ASN A 80 0.54 -4.63 6.75
N SER A 81 1.45 -4.87 5.80
CA SER A 81 1.29 -4.38 4.44
C SER A 81 2.22 -5.16 3.52
N PHE A 82 1.80 -5.33 2.28
CA PHE A 82 2.58 -6.05 1.28
C PHE A 82 2.51 -5.30 -0.04
N PHE A 83 3.43 -5.63 -0.94
CA PHE A 83 3.61 -4.90 -2.19
C PHE A 83 3.57 -5.87 -3.37
N VAL A 84 3.01 -5.39 -4.48
CA VAL A 84 2.85 -6.18 -5.69
C VAL A 84 3.39 -5.35 -6.85
N MET A 85 4.59 -5.68 -7.33
CA MET A 85 5.14 -4.99 -8.49
C MET A 85 4.20 -5.18 -9.68
N THR A 86 3.70 -4.07 -10.22
CA THR A 86 2.86 -4.09 -11.40
C THR A 86 3.57 -3.57 -12.65
N ASN A 87 4.68 -2.84 -12.50
CA ASN A 87 5.38 -2.29 -13.64
C ASN A 87 6.83 -2.05 -13.23
N PHE A 88 7.69 -1.84 -14.22
CA PHE A 88 9.10 -1.63 -13.89
C PHE A 88 9.86 -1.10 -15.10
N ILE A 89 11.06 -0.60 -14.83
CA ILE A 89 11.99 -0.11 -15.83
C ILE A 89 13.39 -0.56 -15.40
N LYS A 90 14.13 -1.17 -16.31
CA LYS A 90 15.47 -1.67 -16.00
C LYS A 90 16.52 -0.82 -16.70
N THR A 91 17.61 -0.55 -15.98
CA THR A 91 18.75 0.23 -16.44
C THR A 91 19.98 -0.60 -16.06
N GLU A 92 20.34 -1.53 -16.94
CA GLU A 92 21.39 -2.49 -16.63
C GLU A 92 22.76 -1.92 -16.95
N GLY A 93 23.76 -2.36 -16.17
CA GLY A 93 25.14 -2.08 -16.48
C GLY A 93 25.70 -0.79 -15.92
N GLN A 94 24.95 -0.06 -15.12
CA GLN A 94 25.47 1.17 -14.52
C GLN A 94 26.74 0.89 -13.75
N GLN A 95 27.67 1.84 -13.80
CA GLN A 95 28.93 1.73 -13.07
C GLN A 95 29.38 3.13 -12.66
N GLN A 96 30.04 3.20 -11.51
CA GLN A 96 30.58 4.46 -11.03
C GLN A 96 31.42 5.14 -12.09
N GLY A 97 31.17 6.42 -12.34
CA GLY A 97 31.99 7.15 -13.28
C GLY A 97 31.46 8.55 -13.51
N LEU A 98 31.89 9.12 -14.62
CA LEU A 98 31.42 10.43 -15.07
C LEU A 98 30.66 10.28 -16.38
N CYS A 99 29.56 11.00 -16.52
CA CYS A 99 28.75 10.92 -17.73
C CYS A 99 27.90 12.17 -17.82
N PRO A 100 27.46 12.55 -19.02
CA PRO A 100 26.56 13.70 -19.15
C PRO A 100 25.16 13.34 -18.66
N ASP A 101 24.65 14.15 -17.74
CA ASP A 101 23.33 13.90 -17.16
C ASP A 101 22.29 13.76 -18.26
N PHE A 102 21.14 13.19 -17.93
CA PHE A 102 20.08 13.00 -18.91
C PHE A 102 19.46 14.35 -19.28
N PRO A 103 19.17 14.59 -20.56
CA PRO A 103 18.72 15.92 -20.99
C PRO A 103 17.33 16.26 -20.45
N THR A 104 17.27 17.30 -19.63
CA THR A 104 16.01 17.84 -19.16
C THR A 104 16.15 19.36 -19.01
N ALA A 105 15.01 20.02 -18.80
CA ALA A 105 15.00 21.47 -18.65
C ALA A 105 16.08 21.96 -17.70
N ARG A 106 16.50 21.13 -16.74
CA ARG A 106 17.49 21.52 -15.75
C ARG A 106 18.91 21.06 -16.09
N THR A 107 19.05 19.99 -16.88
CA THR A 107 20.35 19.42 -17.19
C THR A 107 21.02 20.04 -18.41
N ILE A 108 20.27 20.72 -19.26
CA ILE A 108 20.74 21.15 -20.57
C ILE A 108 21.50 22.47 -20.42
N CYS A 109 22.69 22.53 -21.03
CA CYS A 109 23.58 23.66 -20.90
C CYS A 109 24.02 24.15 -22.27
N SER A 110 24.25 25.45 -22.37
CA SER A 110 24.80 26.02 -23.59
C SER A 110 26.32 26.03 -23.58
N SER A 111 26.93 26.26 -22.42
CA SER A 111 28.37 26.35 -22.31
C SER A 111 28.82 25.83 -20.94
N ASP A 112 30.12 25.62 -20.80
CA ASP A 112 30.68 25.16 -19.54
C ASP A 112 30.25 26.02 -18.36
N ARG A 113 29.92 27.29 -18.62
CA ARG A 113 29.50 28.19 -17.54
C ARG A 113 28.13 27.83 -16.98
N GLY A 114 27.31 27.09 -17.74
CA GLY A 114 26.00 26.71 -17.24
C GLY A 114 26.04 25.68 -16.13
N CYS A 115 27.14 24.93 -16.02
CA CYS A 115 27.28 23.89 -15.00
C CYS A 115 28.26 24.35 -13.93
N LYS A 116 27.88 24.17 -12.67
CA LYS A 116 28.71 24.56 -11.53
C LYS A 116 29.24 23.29 -10.86
N LYS A 117 30.57 23.23 -10.70
CA LYS A 117 31.20 22.02 -10.21
C LYS A 117 30.77 21.70 -8.79
N GLY A 118 30.28 20.48 -8.59
CA GLY A 118 29.78 20.05 -7.30
C GLY A 118 28.30 20.22 -7.10
N ARG A 119 27.61 20.92 -8.00
CA ARG A 119 26.19 21.17 -7.85
C ARG A 119 25.39 19.89 -8.03
N MET A 120 24.34 19.74 -7.22
CA MET A 120 23.46 18.57 -7.30
C MET A 120 22.02 19.05 -7.19
N ASP A 121 21.21 18.72 -8.20
CA ASP A 121 19.81 19.11 -8.23
C ASP A 121 18.91 17.93 -7.86
N PRO A 122 17.80 18.19 -7.16
CA PRO A 122 16.92 17.09 -6.75
C PRO A 122 16.52 16.15 -7.87
N GLN A 123 16.41 16.64 -9.11
CA GLN A 123 16.11 15.75 -10.23
C GLN A 123 17.32 14.93 -10.67
N SER A 124 18.53 15.42 -10.42
CA SER A 124 19.73 14.72 -10.84
C SER A 124 20.07 13.57 -9.89
N LYS A 125 20.65 12.52 -10.45
CA LYS A 125 21.11 11.37 -9.69
C LYS A 125 22.62 11.40 -9.45
N GLY A 126 23.25 12.56 -9.66
CA GLY A 126 24.69 12.66 -9.49
C GLY A 126 25.10 14.09 -9.21
N ILE A 127 26.35 14.24 -8.81
CA ILE A 127 26.93 15.54 -8.53
C ILE A 127 27.55 16.09 -9.81
N GLN A 128 27.16 17.31 -10.17
CA GLN A 128 27.69 17.94 -11.38
C GLN A 128 29.20 18.08 -11.29
N THR A 129 29.86 17.98 -12.44
CA THR A 129 31.30 18.21 -12.54
C THR A 129 31.62 19.65 -12.94
N GLY A 130 30.61 20.50 -13.09
CA GLY A 130 30.81 21.86 -13.54
C GLY A 130 31.16 22.01 -15.00
N ARG A 131 31.00 20.96 -15.80
CA ARG A 131 31.36 20.98 -17.21
C ARG A 131 30.16 20.63 -18.07
N CYS A 132 30.07 21.27 -19.24
CA CYS A 132 28.99 21.06 -20.19
C CYS A 132 29.48 20.13 -21.29
N VAL A 133 28.79 19.00 -21.49
CA VAL A 133 29.23 18.00 -22.45
C VAL A 133 28.04 17.51 -23.27
N VAL A 134 28.35 16.98 -24.45
CA VAL A 134 27.30 16.54 -25.38
C VAL A 134 26.75 15.19 -24.93
N TYR A 135 25.43 15.13 -24.77
CA TYR A 135 24.74 13.88 -24.48
C TYR A 135 24.48 13.09 -25.76
N LYS A 136 23.98 13.78 -26.79
CA LYS A 136 23.74 13.15 -28.09
C LYS A 136 23.47 14.21 -29.15
N GLU A 137 24.20 14.17 -30.25
CA GLU A 137 23.91 14.98 -31.43
C GLU A 137 23.91 16.48 -31.10
N ARG A 138 25.08 16.98 -30.70
CA ARG A 138 25.31 18.39 -30.45
C ARG A 138 24.35 18.98 -29.42
N LEU A 139 23.64 18.15 -28.66
CA LEU A 139 22.80 18.59 -27.56
C LEU A 139 23.54 18.31 -26.25
N LYS A 140 23.87 19.35 -25.52
CA LYS A 140 24.73 19.23 -24.35
C LYS A 140 23.91 19.29 -23.06
N THR A 141 24.24 18.40 -22.14
CA THR A 141 23.78 18.44 -20.76
C THR A 141 24.98 18.61 -19.84
N CYS A 142 24.70 18.94 -18.58
CA CYS A 142 25.74 19.10 -17.59
C CYS A 142 26.32 17.75 -17.20
N GLU A 143 27.64 17.62 -17.29
CA GLU A 143 28.30 16.40 -16.88
C GLU A 143 28.21 16.23 -15.37
N VAL A 144 28.04 14.98 -14.94
CA VAL A 144 27.91 14.63 -13.53
C VAL A 144 28.77 13.41 -13.25
N SER A 145 28.99 13.16 -11.96
CA SER A 145 29.61 11.93 -11.48
C SER A 145 28.53 11.11 -10.78
N ALA A 146 28.37 9.87 -11.22
CA ALA A 146 27.34 9.00 -10.65
C ALA A 146 27.39 7.61 -11.29
N TRP A 147 26.34 6.83 -11.02
CA TRP A 147 26.13 5.59 -11.76
C TRP A 147 25.83 5.92 -13.21
N CYS A 148 26.71 5.47 -14.11
CA CYS A 148 26.64 5.80 -15.52
C CYS A 148 26.38 4.56 -16.35
N PRO A 149 25.53 4.66 -17.38
CA PRO A 149 24.82 5.89 -17.76
C PRO A 149 23.62 6.18 -16.87
N ILE A 150 23.24 7.46 -16.77
CA ILE A 150 22.13 7.84 -15.91
C ILE A 150 20.83 7.25 -16.47
N GLU A 151 19.95 6.83 -15.56
CA GLU A 151 18.68 6.27 -15.99
C GLU A 151 17.89 7.30 -16.80
N GLU A 152 17.20 6.81 -17.82
CA GLU A 152 16.41 7.70 -18.67
C GLU A 152 15.30 8.36 -17.88
N VAL A 153 15.09 9.65 -18.12
CA VAL A 153 13.89 10.32 -17.64
C VAL A 153 12.77 9.96 -18.61
N LYS A 154 12.33 8.72 -18.55
CA LYS A 154 11.30 8.18 -19.42
C LYS A 154 10.08 7.80 -18.58
N ASP A 155 8.91 7.76 -19.22
CA ASP A 155 7.72 7.35 -18.51
C ASP A 155 7.59 5.84 -18.50
N ALA A 156 6.76 5.33 -17.58
CA ALA A 156 6.55 3.90 -17.47
C ALA A 156 5.92 3.36 -18.74
N PRO A 157 6.07 2.05 -19.00
CA PRO A 157 5.48 1.46 -20.19
C PRO A 157 3.98 1.73 -20.25
N ARG A 158 3.48 1.96 -21.47
CA ARG A 158 2.10 2.38 -21.71
C ARG A 158 1.12 1.46 -20.98
N PRO A 159 1.00 0.19 -21.37
CA PRO A 159 0.27 -0.75 -20.51
C PRO A 159 1.20 -1.40 -19.50
N ALA A 160 0.79 -1.46 -18.24
CA ALA A 160 1.66 -1.99 -17.19
C ALA A 160 2.12 -3.40 -17.53
N LEU A 161 3.44 -3.61 -17.54
CA LEU A 161 3.99 -4.90 -17.93
C LEU A 161 3.30 -6.04 -17.19
N LEU A 162 3.16 -5.90 -15.87
CA LEU A 162 2.42 -6.88 -15.07
C LEU A 162 0.96 -6.47 -14.91
N ASN A 163 0.33 -6.11 -16.04
CA ASN A 163 -1.07 -5.72 -16.01
C ASN A 163 -1.95 -6.84 -15.47
N SER A 164 -1.47 -8.09 -15.54
CA SER A 164 -2.22 -9.23 -15.04
C SER A 164 -2.44 -9.17 -13.54
N ALA A 165 -1.84 -8.20 -12.87
CA ALA A 165 -1.84 -8.17 -11.42
C ALA A 165 -3.25 -8.22 -10.85
N GLU A 166 -4.23 -7.63 -11.52
CA GLU A 166 -5.59 -7.62 -10.98
C GLU A 166 -6.15 -9.01 -10.82
N ASN A 167 -5.70 -9.97 -11.64
CA ASN A 167 -6.17 -11.35 -11.55
C ASN A 167 -5.53 -12.13 -10.40
N PHE A 168 -4.58 -11.52 -9.68
CA PHE A 168 -3.93 -12.19 -8.55
C PHE A 168 -4.87 -12.23 -7.35
N THR A 169 -4.58 -13.13 -6.42
CA THR A 169 -5.44 -13.31 -5.25
C THR A 169 -4.61 -13.34 -3.98
N VAL A 170 -4.87 -12.39 -3.08
CA VAL A 170 -4.22 -12.34 -1.78
C VAL A 170 -5.10 -13.04 -0.76
N LEU A 171 -4.53 -14.01 -0.06
CA LEU A 171 -5.18 -14.67 1.07
C LEU A 171 -4.70 -14.00 2.35
N ILE A 172 -5.64 -13.46 3.13
CA ILE A 172 -5.34 -12.75 4.37
C ILE A 172 -5.78 -13.61 5.54
N LYS A 173 -4.90 -13.76 6.52
CA LYS A 173 -5.18 -14.50 7.74
C LYS A 173 -4.89 -13.59 8.93
N ASN A 174 -5.92 -13.26 9.68
CA ASN A 174 -5.82 -12.28 10.76
C ASN A 174 -6.11 -12.94 12.10
N ASN A 175 -5.31 -12.60 13.11
CA ASN A 175 -5.43 -13.13 14.46
C ASN A 175 -5.56 -11.94 15.41
N ILE A 176 -6.74 -11.80 16.01
CA ILE A 176 -7.03 -10.70 16.92
C ILE A 176 -7.14 -11.23 18.34
N ASP A 177 -6.54 -10.51 19.28
CA ASP A 177 -6.53 -10.88 20.69
C ASP A 177 -7.03 -9.72 21.53
N PHE A 178 -7.75 -10.04 22.60
CA PHE A 178 -8.25 -9.05 23.56
C PHE A 178 -7.57 -9.30 24.90
N PRO A 179 -6.45 -8.63 25.19
CA PRO A 179 -5.77 -8.85 26.48
C PRO A 179 -6.67 -8.70 27.70
N GLY A 180 -7.52 -7.67 27.76
CA GLY A 180 -8.40 -7.49 28.89
C GLY A 180 -9.20 -8.73 29.22
N HIS A 181 -9.94 -9.25 28.25
CA HIS A 181 -10.59 -10.53 28.40
C HIS A 181 -9.58 -11.66 28.18
N ASN A 182 -10.03 -12.90 28.36
CA ASN A 182 -9.24 -14.07 28.03
C ASN A 182 -9.50 -14.56 26.61
N TYR A 183 -9.92 -13.66 25.72
CA TYR A 183 -10.50 -14.02 24.43
C TYR A 183 -9.53 -13.73 23.30
N THR A 184 -9.31 -14.73 22.45
CA THR A 184 -8.55 -14.61 21.23
C THR A 184 -9.30 -15.33 20.12
N THR A 185 -9.21 -14.78 18.90
CA THR A 185 -9.89 -15.38 17.76
C THR A 185 -9.10 -15.08 16.50
N ARG A 186 -9.49 -15.75 15.40
CA ARG A 186 -8.81 -15.59 14.13
C ARG A 186 -9.83 -15.36 13.02
N ASN A 187 -9.40 -14.63 12.00
CA ASN A 187 -10.25 -14.31 10.86
C ASN A 187 -10.90 -15.57 10.28
N ILE A 188 -10.11 -16.62 10.07
CA ILE A 188 -10.59 -17.86 9.46
C ILE A 188 -11.08 -18.79 10.57
N LEU A 189 -12.40 -18.94 10.67
CA LEU A 189 -12.95 -19.90 11.61
C LEU A 189 -12.82 -21.32 11.05
N PRO A 190 -12.75 -22.31 11.91
CA PRO A 190 -12.47 -23.68 11.44
C PRO A 190 -13.60 -24.24 10.59
N GLY A 191 -13.20 -25.07 9.62
CA GLY A 191 -14.14 -25.81 8.80
C GLY A 191 -14.76 -25.05 7.65
N VAL A 192 -14.40 -23.78 7.45
CA VAL A 192 -15.00 -23.00 6.38
C VAL A 192 -14.49 -23.49 5.03
N ASN A 193 -15.30 -23.27 4.00
CA ASN A 193 -14.93 -23.62 2.62
C ASN A 193 -13.97 -22.56 2.10
N ILE A 194 -12.68 -22.92 2.06
CA ILE A 194 -11.65 -21.95 1.67
C ILE A 194 -11.72 -21.60 0.18
N THR A 195 -12.38 -22.43 -0.62
CA THR A 195 -12.52 -22.16 -2.06
C THR A 195 -13.62 -21.11 -2.24
N CYS A 196 -13.21 -19.86 -2.40
CA CYS A 196 -14.15 -18.76 -2.55
C CYS A 196 -13.38 -17.53 -2.99
N THR A 197 -14.15 -16.49 -3.34
CA THR A 197 -13.59 -15.17 -3.63
C THR A 197 -14.48 -14.14 -2.95
N PHE A 198 -13.88 -13.29 -2.12
CA PHE A 198 -14.65 -12.31 -1.36
C PHE A 198 -15.60 -11.55 -2.26
N HIS A 199 -16.85 -11.41 -1.80
CA HIS A 199 -17.84 -10.56 -2.44
C HIS A 199 -18.55 -9.76 -1.37
N LYS A 200 -18.78 -8.47 -1.65
CA LYS A 200 -19.42 -7.60 -0.67
C LYS A 200 -20.66 -8.25 -0.06
N THR A 201 -21.38 -9.04 -0.85
CA THR A 201 -22.62 -9.67 -0.43
C THR A 201 -22.56 -11.19 -0.45
N GLN A 202 -21.87 -11.79 -1.42
CA GLN A 202 -21.92 -13.23 -1.58
C GLN A 202 -20.88 -13.96 -0.72
N ASN A 203 -19.82 -13.27 -0.30
CA ASN A 203 -18.76 -13.88 0.51
C ASN A 203 -18.18 -12.82 1.43
N PRO A 204 -18.97 -12.33 2.38
CA PRO A 204 -18.48 -11.31 3.31
C PRO A 204 -17.41 -11.80 4.26
N GLN A 205 -17.24 -13.12 4.41
CA GLN A 205 -16.23 -13.68 5.29
C GLN A 205 -15.18 -14.49 4.54
N CYS A 206 -15.17 -14.43 3.22
CA CYS A 206 -14.15 -15.12 2.44
C CYS A 206 -12.84 -14.33 2.50
N PRO A 207 -11.74 -14.91 2.96
CA PRO A 207 -10.47 -14.17 3.06
C PRO A 207 -9.61 -14.20 1.81
N ILE A 208 -10.11 -14.71 0.68
CA ILE A 208 -9.40 -14.63 -0.59
C ILE A 208 -9.90 -13.40 -1.33
N PHE A 209 -8.98 -12.53 -1.73
CA PHE A 209 -9.33 -11.26 -2.34
C PHE A 209 -8.60 -11.13 -3.68
N ARG A 210 -9.38 -11.05 -4.76
CA ARG A 210 -8.81 -10.65 -6.04
C ARG A 210 -8.52 -9.16 -6.03
N LEU A 211 -7.37 -8.77 -6.57
CA LEU A 211 -6.96 -7.37 -6.53
C LEU A 211 -7.90 -6.50 -7.36
N GLY A 212 -8.17 -6.90 -8.60
CA GLY A 212 -9.11 -6.15 -9.43
C GLY A 212 -10.43 -5.90 -8.74
N ASP A 213 -10.92 -6.89 -7.99
CA ASP A 213 -12.13 -6.69 -7.19
C ASP A 213 -11.95 -5.55 -6.20
N ILE A 214 -10.81 -5.52 -5.52
CA ILE A 214 -10.54 -4.44 -4.57
C ILE A 214 -10.59 -3.09 -5.27
N PHE A 215 -9.98 -2.99 -6.46
CA PHE A 215 -9.95 -1.70 -7.14
C PHE A 215 -11.32 -1.30 -7.65
N GLN A 216 -12.14 -2.27 -8.07
CA GLN A 216 -13.50 -1.95 -8.47
C GLN A 216 -14.32 -1.46 -7.28
N GLU A 217 -14.25 -2.18 -6.16
CA GLU A 217 -15.00 -1.79 -4.96
C GLU A 217 -14.73 -0.33 -4.60
N THR A 218 -13.46 0.07 -4.62
CA THR A 218 -13.09 1.46 -4.38
C THR A 218 -13.32 2.35 -5.59
N GLY A 219 -13.71 1.79 -6.73
CA GLY A 219 -14.00 2.60 -7.89
C GLY A 219 -12.79 3.18 -8.58
N ASP A 220 -11.65 2.48 -8.53
CA ASP A 220 -10.44 2.89 -9.21
C ASP A 220 -10.06 1.83 -10.25
N SER A 221 -9.74 2.28 -11.46
CA SER A 221 -9.28 1.34 -12.48
C SER A 221 -7.94 0.75 -12.06
N PHE A 222 -7.88 -0.58 -12.02
CA PHE A 222 -6.63 -1.22 -11.61
C PHE A 222 -5.49 -0.97 -12.59
N SER A 223 -5.81 -0.87 -13.88
CA SER A 223 -4.75 -0.65 -14.88
C SER A 223 -4.09 0.71 -14.70
N ASP A 224 -4.92 1.77 -14.63
CA ASP A 224 -4.38 3.12 -14.44
C ASP A 224 -3.41 3.17 -13.28
N VAL A 225 -3.85 2.70 -12.10
CA VAL A 225 -2.98 2.70 -10.93
C VAL A 225 -1.75 1.83 -11.18
N ALA A 226 -1.94 0.70 -11.85
CA ALA A 226 -0.83 -0.24 -12.06
C ALA A 226 0.23 0.32 -13.01
N ILE A 227 -0.09 1.37 -13.76
CA ILE A 227 0.91 1.96 -14.65
C ILE A 227 2.00 2.66 -13.84
N GLN A 228 1.59 3.61 -12.99
CA GLN A 228 2.54 4.39 -12.21
C GLN A 228 2.63 3.95 -10.75
N GLY A 229 1.69 3.15 -10.27
CA GLY A 229 1.72 2.65 -8.91
C GLY A 229 0.80 3.44 -7.98
N GLY A 230 0.40 2.80 -6.89
CA GLY A 230 -0.46 3.43 -5.91
C GLY A 230 -0.46 2.62 -4.62
N ILE A 231 -1.16 3.15 -3.62
CA ILE A 231 -1.24 2.54 -2.30
C ILE A 231 -2.71 2.25 -2.01
N MET A 232 -3.09 0.99 -2.09
CA MET A 232 -4.42 0.56 -1.71
C MET A 232 -4.47 0.26 -0.21
N GLY A 233 -5.69 0.01 0.28
CA GLY A 233 -5.88 -0.18 1.71
C GLY A 233 -7.04 -1.08 2.07
N ILE A 234 -6.75 -2.11 2.85
CA ILE A 234 -7.73 -3.10 3.28
C ILE A 234 -8.03 -2.87 4.76
N GLU A 235 -9.30 -2.62 5.08
CA GLU A 235 -9.74 -2.39 6.44
C GLU A 235 -10.52 -3.60 6.94
N ILE A 236 -10.29 -3.97 8.20
CA ILE A 236 -10.94 -5.11 8.82
C ILE A 236 -11.50 -4.64 10.16
N TYR A 237 -12.83 -4.59 10.25
CA TYR A 237 -13.53 -4.06 11.41
C TYR A 237 -13.90 -5.21 12.35
N TRP A 238 -13.66 -5.02 13.65
CA TRP A 238 -14.06 -5.99 14.67
C TRP A 238 -14.90 -5.27 15.72
N ASP A 239 -16.22 -5.40 15.61
CA ASP A 239 -17.13 -4.92 16.65
C ASP A 239 -17.62 -6.11 17.47
N CYS A 240 -16.68 -6.68 18.21
CA CYS A 240 -16.92 -7.93 18.90
C CYS A 240 -17.61 -7.72 20.24
N ASN A 241 -18.54 -8.61 20.57
CA ASN A 241 -19.30 -8.57 21.81
C ASN A 241 -18.94 -9.80 22.62
N LEU A 242 -18.18 -9.61 23.70
CA LEU A 242 -17.71 -10.69 24.55
C LEU A 242 -18.72 -11.07 25.63
N ASP A 243 -19.99 -10.69 25.47
CA ASP A 243 -21.03 -11.05 26.42
C ASP A 243 -21.55 -12.45 26.13
N GLY A 244 -21.97 -13.14 27.21
CA GLY A 244 -22.55 -14.47 27.04
C GLY A 244 -23.93 -14.43 26.41
N TRP A 245 -24.70 -13.39 26.70
CA TRP A 245 -26.04 -13.25 26.14
C TRP A 245 -25.97 -13.17 24.62
N PHE A 246 -25.49 -12.05 24.10
CA PHE A 246 -25.30 -11.86 22.66
C PHE A 246 -23.81 -11.70 22.39
N HIS A 247 -23.22 -12.67 21.71
CA HIS A 247 -21.79 -12.68 21.43
C HIS A 247 -21.59 -12.75 19.92
N HIS A 248 -21.01 -11.70 19.35
CA HIS A 248 -20.70 -11.65 17.93
C HIS A 248 -19.28 -11.15 17.76
N CYS A 249 -18.49 -11.84 16.93
CA CYS A 249 -17.09 -11.47 16.71
C CYS A 249 -16.71 -11.96 15.32
N ARG A 250 -16.95 -11.12 14.32
CA ARG A 250 -16.62 -11.41 12.93
C ARG A 250 -16.05 -10.16 12.28
N PRO A 251 -15.24 -10.31 11.24
CA PRO A 251 -14.61 -9.15 10.61
C PRO A 251 -15.51 -8.49 9.57
N LYS A 252 -15.22 -7.21 9.33
CA LYS A 252 -15.96 -6.39 8.38
C LYS A 252 -14.94 -5.81 7.40
N TYR A 253 -14.88 -6.39 6.20
CA TYR A 253 -13.89 -5.99 5.20
C TYR A 253 -14.38 -4.78 4.43
N SER A 254 -13.55 -3.72 4.41
CA SER A 254 -13.78 -2.56 3.58
C SER A 254 -12.50 -2.25 2.81
N PHE A 255 -12.63 -1.41 1.79
CA PHE A 255 -11.51 -1.07 0.92
C PHE A 255 -11.46 0.43 0.70
N ARG A 256 -10.28 1.01 0.81
CA ARG A 256 -10.09 2.45 0.65
C ARG A 256 -8.73 2.70 0.01
N ARG A 257 -8.66 3.68 -0.90
CA ARG A 257 -7.43 4.00 -1.60
C ARG A 257 -6.66 5.03 -0.80
N LEU A 258 -5.68 4.56 -0.02
CA LEU A 258 -4.85 5.45 0.78
C LEU A 258 -3.96 6.33 -0.09
N ASP A 259 -3.60 5.85 -1.28
CA ASP A 259 -2.79 6.62 -2.21
C ASP A 259 -3.38 8.02 -2.41
N ASP A 260 -2.50 8.99 -2.62
CA ASP A 260 -2.93 10.39 -2.65
C ASP A 260 -3.56 10.77 -3.99
N LYS A 261 -3.02 10.26 -5.10
CA LYS A 261 -3.57 10.53 -6.43
C LYS A 261 -3.32 11.99 -6.83
N THR A 262 -2.16 12.52 -6.45
CA THR A 262 -1.90 13.95 -6.62
C THR A 262 -1.79 14.31 -8.10
N THR A 263 -0.90 13.63 -8.83
CA THR A 263 -0.69 13.88 -10.25
C THR A 263 0.13 15.16 -10.46
N SER A 264 1.09 15.41 -9.57
CA SER A 264 1.97 16.56 -9.67
C SER A 264 3.40 16.09 -9.46
N GLU A 265 4.25 16.32 -10.47
CA GLU A 265 5.63 15.84 -10.43
C GLU A 265 6.28 16.08 -9.07
N SER A 266 5.94 17.21 -8.43
CA SER A 266 6.62 17.58 -7.19
C SER A 266 6.25 16.66 -6.04
N LEU A 267 5.02 16.15 -5.99
CA LEU A 267 4.57 15.32 -4.89
C LEU A 267 4.85 13.83 -5.13
N TYR A 268 5.73 13.51 -6.06
CA TYR A 268 6.14 12.13 -6.33
C TYR A 268 4.93 11.20 -6.44
N PRO A 269 4.09 11.40 -7.46
CA PRO A 269 2.81 10.68 -7.50
C PRO A 269 2.98 9.19 -7.74
N GLY A 270 2.02 8.42 -7.23
CA GLY A 270 2.02 6.98 -7.37
C GLY A 270 2.83 6.30 -6.29
N TYR A 271 3.28 5.09 -6.61
CA TYR A 271 4.16 4.33 -5.72
C TYR A 271 5.23 3.65 -6.56
N ASN A 272 6.48 3.99 -6.28
CA ASN A 272 7.62 3.43 -6.99
C ASN A 272 8.87 3.65 -6.17
N PHE A 273 9.84 2.77 -6.34
CA PHE A 273 11.11 2.91 -5.65
C PHE A 273 12.23 2.41 -6.55
N ARG A 274 13.46 2.82 -6.23
CA ARG A 274 14.62 2.48 -7.04
C ARG A 274 15.41 1.38 -6.33
N TYR A 275 15.44 0.19 -6.94
CA TYR A 275 16.13 -0.96 -6.40
C TYR A 275 17.46 -1.13 -7.10
N ALA A 276 18.49 -1.52 -6.34
CA ALA A 276 19.85 -1.66 -6.87
C ALA A 276 20.29 -3.11 -6.78
N LYS A 277 20.83 -3.63 -7.88
CA LYS A 277 21.36 -4.99 -7.93
C LYS A 277 22.83 -4.89 -8.33
N TYR A 278 23.73 -5.03 -7.35
CA TYR A 278 25.15 -4.90 -7.58
C TYR A 278 25.76 -6.21 -8.02
N TYR A 279 26.62 -6.16 -9.04
CA TYR A 279 27.32 -7.33 -9.53
C TYR A 279 28.65 -6.89 -10.12
N LYS A 280 29.55 -7.84 -10.33
CA LYS A 280 30.88 -7.56 -10.84
C LYS A 280 31.05 -8.20 -12.21
N GLU A 281 31.60 -7.43 -13.15
CA GLU A 281 31.87 -7.93 -14.49
C GLU A 281 33.20 -7.39 -14.97
N ASN A 282 34.05 -8.26 -15.51
CA ASN A 282 35.35 -7.88 -16.03
C ASN A 282 36.16 -7.11 -14.99
N ASN A 283 36.17 -7.64 -13.76
CA ASN A 283 36.87 -7.02 -12.66
C ASN A 283 36.44 -5.56 -12.48
N VAL A 284 35.14 -5.33 -12.66
CA VAL A 284 34.56 -3.99 -12.57
C VAL A 284 33.31 -4.05 -11.71
N GLU A 285 33.09 -3.01 -10.91
CA GLU A 285 31.94 -2.91 -10.03
C GLU A 285 30.78 -2.28 -10.79
N LYS A 286 29.70 -3.03 -10.95
CA LYS A 286 28.56 -2.61 -11.76
C LYS A 286 27.27 -2.75 -10.95
N ARG A 287 26.22 -2.12 -11.46
CA ARG A 287 24.95 -2.01 -10.75
C ARG A 287 23.82 -1.90 -11.75
N THR A 288 22.90 -2.88 -11.74
CA THR A 288 21.67 -2.79 -12.51
C THR A 288 20.61 -2.11 -11.66
N LEU A 289 20.04 -1.03 -12.17
CA LEU A 289 19.06 -0.23 -11.44
C LEU A 289 17.65 -0.52 -11.96
N ILE A 290 16.75 -0.88 -11.06
CA ILE A 290 15.40 -1.30 -11.41
C ILE A 290 14.44 -0.32 -10.73
N LYS A 291 13.86 0.60 -11.50
CA LYS A 291 12.76 1.41 -11.00
C LYS A 291 11.50 0.55 -10.98
N VAL A 292 10.93 0.38 -9.80
CA VAL A 292 9.84 -0.57 -9.56
C VAL A 292 8.57 0.21 -9.25
N PHE A 293 7.50 -0.13 -9.95
CA PHE A 293 6.17 0.43 -9.73
C PHE A 293 5.23 -0.70 -9.33
N GLY A 294 4.30 -0.39 -8.44
CA GLY A 294 3.31 -1.36 -8.03
C GLY A 294 2.34 -0.75 -7.05
N ILE A 295 1.44 -1.59 -6.55
CA ILE A 295 0.49 -1.20 -5.52
C ILE A 295 0.94 -1.77 -4.20
N ARG A 296 1.05 -0.92 -3.18
CA ARG A 296 1.30 -1.35 -1.82
C ARG A 296 -0.03 -1.45 -1.09
N PHE A 297 -0.28 -2.61 -0.49
CA PHE A 297 -1.55 -2.90 0.18
C PHE A 297 -1.35 -2.84 1.69
N ASP A 298 -1.95 -1.84 2.32
CA ASP A 298 -1.85 -1.65 3.76
C ASP A 298 -3.11 -2.21 4.42
N ILE A 299 -2.92 -3.13 5.35
CA ILE A 299 -4.02 -3.80 6.03
C ILE A 299 -4.25 -3.13 7.37
N LEU A 300 -5.42 -2.51 7.52
CA LEU A 300 -5.76 -1.75 8.72
C LEU A 300 -6.83 -2.52 9.49
N VAL A 301 -6.47 -3.02 10.67
CA VAL A 301 -7.38 -3.80 11.52
C VAL A 301 -7.67 -2.98 12.76
N PHE A 302 -8.94 -2.67 12.98
CA PHE A 302 -9.41 -1.97 14.16
C PHE A 302 -10.47 -2.81 14.86
N GLY A 303 -10.40 -2.86 16.19
CA GLY A 303 -11.31 -3.69 16.95
C GLY A 303 -11.68 -3.05 18.27
N THR A 304 -12.82 -3.50 18.80
CA THR A 304 -13.32 -3.08 20.10
C THR A 304 -14.03 -4.27 20.72
N GLY A 305 -13.53 -4.74 21.86
CA GLY A 305 -14.13 -5.84 22.57
C GLY A 305 -14.97 -5.31 23.72
N GLY A 306 -16.10 -5.96 23.94
CA GLY A 306 -17.10 -5.47 24.89
C GLY A 306 -17.59 -6.60 25.79
N LYS A 307 -17.66 -6.31 27.08
CA LYS A 307 -18.16 -7.26 28.07
C LYS A 307 -19.01 -6.49 29.05
N PHE A 308 -19.68 -7.20 29.95
CA PHE A 308 -20.49 -6.58 30.99
C PHE A 308 -19.61 -6.11 32.14
N ASN A 309 -19.82 -4.87 32.58
CA ASN A 309 -19.04 -4.30 33.68
C ASN A 309 -19.99 -3.62 34.66
N VAL A 310 -19.85 -3.97 35.95
CA VAL A 310 -20.71 -3.39 36.98
C VAL A 310 -20.32 -1.95 37.26
N ILE A 311 -19.02 -1.67 37.36
CA ILE A 311 -18.58 -0.32 37.67
C ILE A 311 -19.07 0.67 36.63
N GLN A 312 -19.08 0.26 35.36
CA GLN A 312 -19.61 1.13 34.32
C GLN A 312 -21.12 1.28 34.41
N LEU A 313 -21.81 0.22 34.85
CA LEU A 313 -23.25 0.31 35.02
C LEU A 313 -23.60 1.08 36.30
N ALA A 314 -22.70 1.09 37.28
CA ALA A 314 -22.91 1.88 38.49
C ALA A 314 -22.54 3.34 38.30
N VAL A 315 -21.66 3.65 37.36
CA VAL A 315 -21.34 5.03 37.00
C VAL A 315 -22.38 5.60 36.05
N TYR A 316 -22.82 4.79 35.08
CA TYR A 316 -23.94 5.18 34.23
C TYR A 316 -25.20 5.35 35.06
N ILE A 317 -25.43 4.44 36.01
CA ILE A 317 -26.48 4.64 37.01
C ILE A 317 -26.22 5.91 37.79
N GLY A 318 -24.95 6.19 38.09
CA GLY A 318 -24.61 7.41 38.81
C GLY A 318 -25.08 8.66 38.09
N SER A 319 -24.90 8.69 36.77
CA SER A 319 -25.38 9.84 36.01
C SER A 319 -26.90 9.80 35.85
N VAL A 320 -27.47 8.60 35.73
CA VAL A 320 -28.90 8.45 35.49
C VAL A 320 -29.75 8.75 36.71
N ILE A 321 -29.17 8.74 37.90
CA ILE A 321 -29.96 9.06 39.10
C ILE A 321 -30.08 10.57 39.26
N SER A 322 -29.03 11.33 38.91
CA SER A 322 -29.18 12.77 38.79
C SER A 322 -30.15 13.12 37.69
N TYR A 323 -29.87 12.63 36.48
CA TYR A 323 -30.81 12.79 35.38
C TYR A 323 -32.22 12.46 35.82
N PHE A 324 -32.35 11.51 36.76
CA PHE A 324 -33.66 11.14 37.27
C PHE A 324 -34.20 12.21 38.22
N GLY A 325 -33.34 12.79 39.06
CA GLY A 325 -33.80 13.82 39.97
C GLY A 325 -34.25 15.08 39.25
N LEU A 326 -33.46 15.55 38.29
CA LEU A 326 -33.86 16.70 37.49
C LEU A 326 -35.04 16.36 36.59
N ALA A 327 -35.12 15.11 36.11
CA ALA A 327 -36.29 14.70 35.34
C ALA A 327 -37.55 14.77 36.17
N THR A 328 -37.47 14.39 37.45
CA THR A 328 -38.62 14.46 38.34
C THR A 328 -38.91 15.90 38.78
N VAL A 329 -37.89 16.75 38.83
CA VAL A 329 -38.12 18.16 39.17
C VAL A 329 -38.93 18.85 38.08
N PHE A 330 -38.59 18.61 36.82
CA PHE A 330 -39.30 19.19 35.70
C PHE A 330 -39.34 20.71 35.78
#